data_6KFU
#
_entry.id   6KFU
#
_cell.length_a   73.939
_cell.length_b   73.939
_cell.length_c   209.617
_cell.angle_alpha   90.000
_cell.angle_beta   90.000
_cell.angle_gamma   120.000
#
_symmetry.space_group_name_H-M   'P 31 1 2'
#
loop_
_entity.id
_entity.type
_entity.pdbx_description
1 polymer 'Mycosubtilin synthase subunit A,Mycosubtilin synthase subunit A'
2 non-polymer "PYRIDOXAL-5'-PHOSPHATE"
3 non-polymer GLYCEROL
4 water water
#
_entity_poly.entity_id   1
_entity_poly.type   'polypeptide(L)'
_entity_poly.pdbx_seq_one_letter_code
;ALDINHTKTHIESFLKTVISNASGIRADEIDSNAHFIGFGLDSIMLTQVKKAIADEFNVDIPMERFFDTMNNIESVVDYL
AENVPSAASGSLNEQVNYTPQQRQYLESFIEKYVDKTKGSKQYTDETRFAHANNRNLSSFRSYWKEMVYPIIAERSDGSR
MWDIDGNEYIDITMGFGVNLFGHHPSFITQTVVDSTHSALPPLGPMSNVAGEVADRIRACTGVERVAFYNSGTEAVMVAL
RLARAATGRTKVVVFAGSYHGTFDGVLGVANTKGGAEPANPLAPGIPQSFMNDLIILHYNHPDSLDVIRNLGNELAAVLV
EPVQSRRPDLQPESFLKELRAITQQSGTALIMDEIITGFRIGLGGAQEWFDIQADLVTYGKIIGGGQPLGIVAGKAEFMN
TIDGGTWQYGDDSYPTDEAKRTFVAGTFNTHPLTMRMSLAVLRYLQAEGETLYERLNQKTTYLVDQLNSYFEQSQVPIRM
VQFGSLFRFVSSVDNDLFFYHLNYKGVYVWEGRNCFLSTAHTSDDIAYIIQAVQETVKDLRRGGFIPEGPDS
;
_entity_poly.pdbx_strand_id   A
#
loop_
_chem_comp.id
_chem_comp.type
_chem_comp.name
_chem_comp.formula
GOL non-polymer GLYCEROL 'C3 H8 O3'
PLP non-polymer PYRIDOXAL-5'-PHOSPHATE 'C8 H10 N O6 P'
#
# COMPACT_ATOMS: atom_id res chain seq x y z
N ASN A 5 2.15 9.61 11.37
CA ASN A 5 2.92 8.55 12.01
C ASN A 5 4.35 9.01 12.32
N HIS A 6 5.32 8.62 11.49
CA HIS A 6 6.74 8.86 11.78
C HIS A 6 7.11 10.34 11.63
N THR A 7 6.40 11.24 12.34
CA THR A 7 6.44 12.66 11.99
C THR A 7 7.78 13.31 12.35
N LYS A 8 8.27 13.07 13.56
CA LYS A 8 9.50 13.73 14.00
C LYS A 8 10.63 13.51 13.01
N THR A 9 10.73 12.32 12.42
CA THR A 9 11.70 12.12 11.36
C THR A 9 11.43 13.07 10.19
N HIS A 10 10.16 13.31 9.87
CA HIS A 10 9.83 14.22 8.77
C HIS A 10 10.06 15.68 9.15
N ILE A 11 9.74 16.04 10.39
CA ILE A 11 10.01 17.39 10.84
C ILE A 11 11.51 17.66 10.84
N GLU A 12 12.29 16.72 11.37
CA GLU A 12 13.74 16.89 11.40
C GLU A 12 14.31 17.11 10.00
N SER A 13 13.92 16.25 9.06
CA SER A 13 14.44 16.35 7.69
C SER A 13 13.95 17.62 6.99
N PHE A 14 12.78 18.13 7.36
CA PHE A 14 12.26 19.37 6.80
C PHE A 14 13.13 20.57 7.21
N LEU A 15 13.40 20.70 8.51
CA LEU A 15 14.28 21.76 8.98
C LEU A 15 15.69 21.60 8.42
N LYS A 16 16.21 20.37 8.46
CA LYS A 16 17.54 20.10 7.95
C LYS A 16 17.71 20.56 6.50
N THR A 17 16.62 20.63 5.73
CA THR A 17 16.69 21.19 4.39
C THR A 17 16.35 22.67 4.35
N VAL A 18 15.46 23.14 5.23
CA VAL A 18 15.22 24.57 5.36
C VAL A 18 16.51 25.27 5.80
N ILE A 19 17.11 24.82 6.90
CA ILE A 19 18.40 25.35 7.33
C ILE A 19 19.40 25.30 6.18
N SER A 20 19.61 24.12 5.61
CA SER A 20 20.60 23.98 4.55
C SER A 20 20.31 24.92 3.39
N ASN A 21 19.04 25.24 3.15
CA ASN A 21 18.70 26.02 1.98
C ASN A 21 19.08 27.48 2.17
N ALA A 22 18.64 28.03 3.28
CA ALA A 22 18.92 29.37 3.65
C ALA A 22 20.39 29.63 3.97
N SER A 23 21.13 28.67 4.49
CA SER A 23 22.50 28.92 4.83
C SER A 23 23.58 28.43 3.93
N GLY A 24 23.30 27.38 3.21
CA GLY A 24 24.32 26.88 2.34
C GLY A 24 25.11 25.68 2.77
N ILE A 25 24.91 25.20 3.99
CA ILE A 25 25.68 24.06 4.36
C ILE A 25 24.92 22.84 3.98
N ARG A 26 25.64 21.88 3.47
CA ARG A 26 25.03 20.70 3.02
C ARG A 26 24.40 20.07 4.16
N ALA A 27 23.18 19.63 3.99
CA ALA A 27 22.44 18.92 5.01
C ALA A 27 23.06 17.66 5.50
N ASP A 28 23.81 16.94 4.71
CA ASP A 28 24.45 15.76 5.28
C ASP A 28 25.54 16.15 6.24
N GLU A 29 25.57 17.42 6.60
CA GLU A 29 26.56 17.94 7.48
C GLU A 29 25.95 18.58 8.74
N ILE A 30 24.67 18.83 8.74
CA ILE A 30 24.07 19.48 9.83
C ILE A 30 23.76 18.65 10.99
N ASP A 31 24.56 18.71 12.00
CA ASP A 31 24.27 17.95 13.20
C ASP A 31 22.92 18.38 13.75
N SER A 32 22.08 17.41 14.08
CA SER A 32 20.73 17.70 14.52
C SER A 32 20.69 18.24 15.93
N ASN A 33 21.77 18.09 16.70
CA ASN A 33 21.81 18.52 18.10
C ASN A 33 22.68 19.75 18.34
N ALA A 34 23.47 20.19 17.36
CA ALA A 34 24.29 21.38 17.50
C ALA A 34 23.44 22.62 17.77
N HIS A 35 23.95 23.50 18.64
CA HIS A 35 23.25 24.75 18.92
C HIS A 35 23.20 25.64 17.68
N PHE A 36 22.10 26.36 17.53
CA PHE A 36 21.90 27.16 16.32
C PHE A 36 22.94 28.27 16.20
N ILE A 37 23.35 28.85 17.33
CA ILE A 37 24.30 29.96 17.29
C ILE A 37 25.52 29.60 16.46
N GLY A 38 25.92 28.33 16.49
CA GLY A 38 27.14 27.98 15.80
C GLY A 38 27.02 27.75 14.32
N PHE A 39 25.83 27.78 13.74
CA PHE A 39 25.74 27.71 12.30
C PHE A 39 26.15 29.02 11.64
N GLY A 40 26.23 30.11 12.42
CA GLY A 40 26.53 31.43 11.90
C GLY A 40 25.56 31.93 10.86
N LEU A 41 24.28 31.99 11.21
CA LEU A 41 23.24 32.43 10.28
C LEU A 41 23.03 33.94 10.37
N ASP A 42 23.04 34.60 9.21
CA ASP A 42 22.46 35.92 8.97
C ASP A 42 21.08 36.10 9.60
N SER A 43 20.60 37.35 9.61
CA SER A 43 19.27 37.69 10.10
C SER A 43 18.17 37.52 9.05
N ILE A 44 18.52 37.56 7.76
CA ILE A 44 17.54 37.22 6.73
C ILE A 44 17.44 35.71 6.59
N MET A 45 18.59 35.00 6.61
CA MET A 45 18.57 33.55 6.74
C MET A 45 17.68 33.12 7.90
N LEU A 46 17.74 33.82 9.03
CA LEU A 46 16.95 33.41 10.18
C LEU A 46 15.47 33.80 10.04
N THR A 47 15.16 34.88 9.32
CA THR A 47 13.74 35.18 9.07
C THR A 47 13.16 34.26 8.01
N GLN A 48 13.95 33.94 6.98
CA GLN A 48 13.49 33.00 5.97
C GLN A 48 13.19 31.64 6.56
N VAL A 49 14.07 31.18 7.46
CA VAL A 49 13.82 29.93 8.18
C VAL A 49 12.59 30.06 9.09
N LYS A 50 12.43 31.22 9.73
CA LYS A 50 11.25 31.42 10.57
C LYS A 50 9.98 31.38 9.72
N LYS A 51 10.11 31.71 8.44
CA LYS A 51 8.97 31.82 7.54
C LYS A 51 8.51 30.46 7.04
N ALA A 52 9.46 29.65 6.53
CA ALA A 52 9.15 28.29 6.12
C ALA A 52 8.45 27.52 7.23
N ILE A 53 8.76 27.83 8.49
CA ILE A 53 8.12 27.12 9.60
C ILE A 53 6.71 27.65 9.85
N ALA A 54 6.51 28.96 9.69
CA ALA A 54 5.17 29.52 9.85
C ALA A 54 4.24 29.03 8.74
N ASP A 55 4.78 28.81 7.55
CA ASP A 55 4.06 28.25 6.41
C ASP A 55 3.69 26.80 6.67
N GLU A 56 4.70 25.92 6.59
CA GLU A 56 4.48 24.48 6.63
C GLU A 56 3.91 23.99 7.95
N PHE A 57 3.86 24.83 8.98
CA PHE A 57 3.28 24.49 10.26
C PHE A 57 2.39 25.65 10.69
N ASN A 58 1.70 25.47 11.80
CA ASN A 58 0.90 26.59 12.29
C ASN A 58 1.77 27.59 13.04
N VAL A 59 2.90 27.15 13.57
CA VAL A 59 3.60 27.85 14.64
C VAL A 59 4.38 29.03 14.07
N ASP A 60 4.42 30.11 14.85
CA ASP A 60 5.32 31.25 14.65
C ASP A 60 6.25 31.34 15.86
N ILE A 61 7.50 30.90 15.66
CA ILE A 61 8.48 30.81 16.75
C ILE A 61 9.29 32.09 16.74
N PRO A 62 9.36 32.83 17.83
CA PRO A 62 10.20 34.03 17.83
C PRO A 62 11.66 33.60 17.73
N MET A 63 12.44 34.33 16.93
CA MET A 63 13.82 33.89 16.71
C MET A 63 14.65 33.91 17.99
N GLU A 64 14.22 34.62 19.03
CA GLU A 64 14.94 34.54 20.29
C GLU A 64 15.01 33.11 20.77
N ARG A 65 13.93 32.35 20.55
CA ARG A 65 13.89 30.97 21.03
C ARG A 65 15.07 30.16 20.50
N PHE A 66 15.52 30.47 19.32
CA PHE A 66 16.59 29.77 18.73
C PHE A 66 17.88 29.97 19.48
N PHE A 67 17.89 30.87 20.43
CA PHE A 67 19.08 31.13 21.18
C PHE A 67 18.92 30.90 22.61
N ASP A 68 17.78 30.34 23.01
CA ASP A 68 17.54 30.07 24.43
C ASP A 68 16.97 28.73 24.88
N THR A 69 15.67 28.56 24.66
CA THR A 69 14.98 27.33 24.97
C THR A 69 14.78 26.39 23.85
N MET A 70 15.14 26.77 22.67
CA MET A 70 15.01 25.91 21.50
C MET A 70 16.25 26.05 20.62
N ASN A 71 17.40 25.71 21.21
CA ASN A 71 18.68 26.10 20.62
C ASN A 71 19.22 25.11 19.60
N ASN A 72 18.53 23.98 19.38
CA ASN A 72 18.93 23.02 18.35
C ASN A 72 17.71 22.43 17.66
N ILE A 73 17.93 21.86 16.47
CA ILE A 73 16.86 21.27 15.68
C ILE A 73 16.02 20.31 16.52
N GLU A 74 16.68 19.37 17.21
CA GLU A 74 15.97 18.38 18.03
C GLU A 74 14.87 19.02 18.88
N SER A 75 15.15 20.18 19.46
CA SER A 75 14.18 20.81 20.36
C SER A 75 13.08 21.53 19.60
N VAL A 76 13.39 22.01 18.39
CA VAL A 76 12.34 22.59 17.55
C VAL A 76 11.37 21.51 17.12
N VAL A 77 11.89 20.33 16.74
CA VAL A 77 11.05 19.20 16.37
C VAL A 77 10.09 18.86 17.50
N ASP A 78 10.63 18.63 18.69
CA ASP A 78 9.79 18.22 19.82
C ASP A 78 8.74 19.27 20.13
N TYR A 79 9.03 20.54 19.89
CA TYR A 79 8.01 21.56 20.08
C TYR A 79 7.08 21.63 18.88
N LEU A 80 7.63 21.61 17.67
CA LEU A 80 6.82 21.67 16.46
C LEU A 80 5.81 20.52 16.41
N ALA A 81 6.10 19.41 17.09
CA ALA A 81 5.16 18.31 17.21
C ALA A 81 3.98 18.69 18.11
N GLU A 82 3.35 19.83 17.80
CA GLU A 82 2.11 20.31 18.44
C GLU A 82 1.85 21.76 18.01
N TYR A 98 -12.61 18.02 24.97
CA TYR A 98 -13.43 16.83 25.07
C TYR A 98 -14.57 16.98 26.09
N THR A 99 -15.79 17.09 25.59
CA THR A 99 -16.94 17.35 26.45
C THR A 99 -17.10 16.23 27.48
N PRO A 100 -17.34 16.56 28.77
CA PRO A 100 -17.88 15.55 29.69
C PRO A 100 -19.29 15.10 29.30
N GLN A 101 -19.76 15.55 28.14
CA GLN A 101 -20.87 14.90 27.46
C GLN A 101 -20.39 13.66 26.72
N GLN A 102 -19.52 13.86 25.73
CA GLN A 102 -18.99 12.76 24.95
C GLN A 102 -18.32 11.71 25.82
N ARG A 103 -17.66 12.14 26.90
CA ARG A 103 -16.88 11.21 27.70
C ARG A 103 -17.74 10.03 28.17
N GLN A 104 -18.94 10.31 28.68
CA GLN A 104 -19.71 9.22 29.26
C GLN A 104 -20.28 8.26 28.23
N TYR A 105 -20.31 8.64 26.95
CA TYR A 105 -20.67 7.68 25.92
C TYR A 105 -19.55 6.69 25.68
N LEU A 106 -18.34 7.19 25.45
CA LEU A 106 -17.20 6.32 25.19
C LEU A 106 -16.76 5.57 26.43
N GLU A 107 -16.89 6.21 27.60
CA GLU A 107 -16.59 5.52 28.84
C GLU A 107 -17.39 4.23 28.95
N SER A 108 -18.66 4.28 28.54
CA SER A 108 -19.53 3.11 28.51
C SER A 108 -19.43 2.33 27.20
N PHE A 109 -18.82 2.92 26.17
CA PHE A 109 -18.47 2.14 24.99
C PHE A 109 -17.28 1.24 25.28
N ILE A 110 -16.13 1.85 25.55
CA ILE A 110 -14.91 1.16 25.94
C ILE A 110 -15.24 -0.01 26.86
N GLU A 111 -16.31 0.14 27.64
CA GLU A 111 -16.83 -0.92 28.50
C GLU A 111 -17.42 -2.06 27.67
N LYS A 112 -18.56 -1.79 27.02
CA LYS A 112 -19.24 -2.85 26.28
C LYS A 112 -18.35 -3.43 25.18
N TYR A 113 -17.46 -2.62 24.62
CA TYR A 113 -16.49 -3.10 23.65
C TYR A 113 -15.59 -4.14 24.28
N VAL A 114 -14.64 -3.69 25.09
CA VAL A 114 -13.64 -4.54 25.74
C VAL A 114 -14.27 -5.81 26.30
N ASP A 115 -15.49 -5.72 26.83
CA ASP A 115 -16.15 -6.92 27.34
C ASP A 115 -16.51 -7.88 26.22
N LYS A 116 -16.82 -7.35 25.02
CA LYS A 116 -17.17 -8.21 23.89
C LYS A 116 -15.94 -8.86 23.25
N THR A 117 -14.77 -8.26 23.39
CA THR A 117 -13.56 -8.77 22.74
C THR A 117 -12.44 -9.01 23.75
N LYS A 118 -12.79 -9.42 24.97
CA LYS A 118 -11.80 -9.58 26.03
C LYS A 118 -10.78 -10.68 25.75
N GLY A 119 -11.20 -11.70 25.00
CA GLY A 119 -10.25 -12.75 24.63
C GLY A 119 -9.12 -12.22 23.77
N SER A 120 -9.48 -11.41 22.76
CA SER A 120 -8.47 -10.79 21.92
C SER A 120 -7.52 -9.92 22.73
N LYS A 121 -8.06 -9.14 23.68
CA LYS A 121 -7.20 -8.32 24.52
C LYS A 121 -6.33 -9.17 25.44
N GLN A 122 -6.89 -10.25 26.02
CA GLN A 122 -6.07 -11.13 26.84
C GLN A 122 -4.97 -11.79 26.02
N TYR A 123 -5.31 -12.28 24.84
CA TYR A 123 -4.29 -12.93 24.02
C TYR A 123 -3.22 -11.94 23.61
N THR A 124 -3.60 -10.69 23.33
CA THR A 124 -2.62 -9.70 22.93
C THR A 124 -1.71 -9.32 24.08
N ASP A 125 -2.29 -9.08 25.26
CA ASP A 125 -1.48 -8.86 26.45
C ASP A 125 -0.52 -10.02 26.68
N GLU A 126 -1.04 -11.25 26.57
CA GLU A 126 -0.22 -12.40 26.95
C GLU A 126 0.91 -12.65 25.97
N THR A 127 0.80 -12.15 24.74
CA THR A 127 1.86 -12.41 23.75
C THR A 127 2.55 -11.16 23.24
N ARG A 128 2.24 -9.97 23.77
CA ARG A 128 2.85 -8.75 23.25
C ARG A 128 4.38 -8.86 23.20
N PHE A 129 4.99 -9.32 24.29
CA PHE A 129 6.44 -9.24 24.35
C PHE A 129 7.10 -10.32 23.51
N ALA A 130 6.60 -11.56 23.60
CA ALA A 130 7.24 -12.66 22.89
C ALA A 130 7.04 -12.57 21.37
N HIS A 131 6.00 -11.88 20.92
CA HIS A 131 5.66 -11.76 19.50
C HIS A 131 5.64 -10.28 19.17
N ALA A 132 6.74 -9.77 18.61
CA ALA A 132 6.79 -8.38 18.20
C ALA A 132 6.00 -8.19 16.93
N ASN A 133 5.00 -7.32 16.95
CA ASN A 133 4.23 -7.12 15.73
C ASN A 133 3.65 -5.70 15.76
N ASN A 134 3.98 -4.91 14.73
CA ASN A 134 3.61 -3.50 14.72
C ASN A 134 2.10 -3.30 14.73
N ARG A 135 1.31 -4.35 14.52
CA ARG A 135 -0.13 -4.18 14.53
C ARG A 135 -0.71 -4.13 15.93
N ASN A 136 0.05 -4.50 16.96
CA ASN A 136 -0.45 -4.35 18.32
C ASN A 136 -0.58 -2.88 18.72
N LEU A 137 -0.05 -1.98 17.89
CA LEU A 137 0.03 -0.57 18.23
C LEU A 137 -1.01 0.28 17.52
N SER A 138 -1.61 -0.21 16.45
CA SER A 138 -2.45 0.64 15.62
C SER A 138 -3.58 1.25 16.43
N SER A 139 -3.93 2.49 16.07
CA SER A 139 -4.94 3.30 16.77
C SER A 139 -4.64 3.40 18.26
N PHE A 140 -3.36 3.40 18.62
CA PHE A 140 -2.98 3.62 20.01
C PHE A 140 -3.18 5.08 20.39
N ARG A 141 -3.78 5.31 21.54
CA ARG A 141 -3.88 6.64 22.13
C ARG A 141 -3.86 6.48 23.63
N SER A 142 -3.19 7.42 24.30
CA SER A 142 -2.90 7.28 25.73
C SER A 142 -4.16 7.16 26.57
N TYR A 143 -5.29 7.69 26.12
CA TYR A 143 -6.48 7.75 26.97
C TYR A 143 -7.45 6.60 26.77
N TRP A 144 -7.51 5.98 25.58
CA TRP A 144 -8.32 4.78 25.38
C TRP A 144 -7.47 3.53 25.24
N LYS A 145 -6.28 3.54 25.85
CA LYS A 145 -5.38 2.40 25.79
C LYS A 145 -6.00 1.13 26.34
N GLU A 146 -7.15 1.20 26.98
CA GLU A 146 -7.77 -0.01 27.49
C GLU A 146 -8.48 -0.79 26.39
N MET A 147 -8.48 -0.31 25.15
CA MET A 147 -9.22 -0.94 24.07
C MET A 147 -8.41 -0.94 22.77
N VAL A 148 -7.09 -1.06 22.84
CA VAL A 148 -6.24 -1.02 21.65
C VAL A 148 -5.44 -2.31 21.59
N TYR A 149 -5.82 -3.17 20.65
CA TYR A 149 -5.26 -4.48 20.41
C TYR A 149 -5.91 -4.99 19.14
N PRO A 150 -5.25 -5.83 18.36
CA PRO A 150 -5.91 -6.41 17.19
C PRO A 150 -7.00 -7.40 17.60
N ILE A 151 -7.91 -7.66 16.68
CA ILE A 151 -8.85 -8.77 16.83
C ILE A 151 -8.16 -10.07 16.41
N ILE A 152 -8.24 -11.09 17.26
CA ILE A 152 -7.64 -12.39 16.96
C ILE A 152 -8.71 -13.29 16.36
N ALA A 153 -8.42 -13.90 15.21
CA ALA A 153 -9.39 -14.78 14.54
C ALA A 153 -9.15 -16.25 14.84
N GLU A 154 -10.26 -16.99 14.98
CA GLU A 154 -10.30 -18.44 15.18
C GLU A 154 -10.73 -19.20 13.93
N ARG A 155 -11.60 -18.64 13.14
CA ARG A 155 -12.17 -19.26 11.97
C ARG A 155 -12.66 -18.30 10.99
N SER A 156 -12.94 -18.83 9.80
CA SER A 156 -13.44 -18.10 8.65
C SER A 156 -14.01 -19.05 7.60
N ASP A 157 -14.91 -18.52 6.78
CA ASP A 157 -15.61 -19.19 5.70
C ASP A 157 -16.40 -18.19 4.90
N GLY A 158 -16.28 -18.21 3.60
CA GLY A 158 -16.96 -17.32 2.70
C GLY A 158 -16.68 -15.87 2.98
N SER A 159 -17.67 -15.14 3.46
CA SER A 159 -17.52 -13.74 3.81
C SER A 159 -17.52 -13.49 5.30
N ARG A 160 -17.67 -14.55 6.11
CA ARG A 160 -17.66 -14.47 7.56
C ARG A 160 -16.29 -14.86 8.13
N MET A 161 -16.06 -14.38 9.35
CA MET A 161 -14.86 -14.58 10.15
C MET A 161 -15.30 -14.58 11.61
N TRP A 162 -14.66 -15.40 12.42
CA TRP A 162 -15.04 -15.58 13.81
C TRP A 162 -13.83 -15.30 14.70
N ASP A 163 -14.03 -14.51 15.75
CA ASP A 163 -12.88 -14.20 16.58
C ASP A 163 -12.76 -15.22 17.72
N ILE A 164 -11.71 -15.08 18.51
CA ILE A 164 -11.42 -16.11 19.51
C ILE A 164 -12.39 -15.97 20.68
N ASP A 165 -13.27 -14.98 20.62
CA ASP A 165 -14.38 -14.90 21.55
C ASP A 165 -15.63 -15.59 21.01
N GLY A 166 -15.72 -15.79 19.70
CA GLY A 166 -16.89 -16.37 19.07
C GLY A 166 -17.70 -15.38 18.27
N ASN A 167 -17.36 -14.10 18.29
CA ASN A 167 -18.14 -13.08 17.59
C ASN A 167 -17.99 -13.26 16.09
N GLU A 168 -19.11 -13.42 15.40
CA GLU A 168 -19.11 -13.42 13.93
C GLU A 168 -18.75 -12.04 13.41
N TYR A 169 -18.33 -11.99 12.15
CA TYR A 169 -18.09 -10.73 11.46
C TYR A 169 -18.44 -10.93 9.99
N ILE A 170 -18.95 -9.86 9.40
CA ILE A 170 -18.89 -9.72 7.94
C ILE A 170 -17.53 -9.12 7.65
N ASP A 171 -16.76 -9.77 6.79
CA ASP A 171 -15.37 -9.41 6.56
C ASP A 171 -15.30 -8.57 5.30
N ILE A 172 -14.99 -7.29 5.45
CA ILE A 172 -14.71 -6.44 4.31
C ILE A 172 -13.22 -6.14 4.20
N THR A 173 -12.41 -6.79 5.04
CA THR A 173 -10.95 -6.75 4.93
C THR A 173 -10.45 -7.74 3.88
N MET A 174 -10.96 -8.97 3.93
CA MET A 174 -10.69 -10.01 2.91
C MET A 174 -9.20 -10.22 2.68
N GLY A 175 -8.49 -10.47 3.78
CA GLY A 175 -7.05 -10.63 3.68
C GLY A 175 -6.31 -9.51 3.00
N PHE A 176 -6.72 -8.24 3.26
CA PHE A 176 -6.10 -7.05 2.64
C PHE A 176 -6.26 -7.04 1.14
N GLY A 177 -7.30 -7.69 0.63
CA GLY A 177 -7.47 -7.82 -0.80
C GLY A 177 -7.07 -9.17 -1.37
N VAL A 178 -6.60 -10.10 -0.52
CA VAL A 178 -6.19 -11.40 -1.03
C VAL A 178 -7.41 -12.17 -1.54
N ASN A 179 -8.48 -12.23 -0.74
CA ASN A 179 -9.55 -13.20 -0.94
C ASN A 179 -10.66 -12.63 -1.83
N LEU A 180 -10.36 -12.57 -3.12
CA LEU A 180 -11.33 -12.21 -4.14
C LEU A 180 -12.59 -13.06 -4.05
N PHE A 181 -12.46 -14.35 -3.73
CA PHE A 181 -13.56 -15.30 -3.74
C PHE A 181 -14.05 -15.64 -2.35
N GLY A 182 -13.70 -14.85 -1.34
CA GLY A 182 -14.06 -15.22 0.02
C GLY A 182 -13.07 -16.20 0.61
N HIS A 183 -13.27 -16.51 1.88
CA HIS A 183 -12.47 -17.48 2.60
C HIS A 183 -12.86 -18.92 2.25
N HIS A 184 -11.86 -19.69 1.80
CA HIS A 184 -12.04 -21.12 1.57
C HIS A 184 -13.14 -21.37 0.56
N PRO A 185 -13.05 -20.78 -0.64
CA PRO A 185 -13.98 -21.17 -1.71
C PRO A 185 -13.72 -22.62 -2.08
N SER A 186 -14.75 -23.29 -2.59
CA SER A 186 -14.68 -24.75 -2.64
C SER A 186 -13.55 -25.21 -3.54
N PHE A 187 -13.33 -24.50 -4.67
CA PHE A 187 -12.28 -24.88 -5.60
C PHE A 187 -10.89 -24.68 -5.01
N ILE A 188 -10.71 -23.74 -4.08
CA ILE A 188 -9.41 -23.60 -3.41
C ILE A 188 -9.21 -24.73 -2.41
N THR A 189 -10.19 -25.00 -1.54
CA THR A 189 -10.04 -26.11 -0.62
C THR A 189 -9.68 -27.41 -1.35
N GLN A 190 -10.38 -27.71 -2.44
CA GLN A 190 -10.15 -28.99 -3.11
C GLN A 190 -8.75 -29.06 -3.68
N THR A 191 -8.15 -27.91 -4.01
CA THR A 191 -6.76 -27.88 -4.43
C THR A 191 -5.82 -28.30 -3.30
N VAL A 192 -5.98 -27.71 -2.11
CA VAL A 192 -5.16 -28.16 -0.98
C VAL A 192 -5.38 -29.65 -0.69
N VAL A 193 -6.65 -30.08 -0.65
CA VAL A 193 -6.98 -31.49 -0.41
C VAL A 193 -6.30 -32.38 -1.44
N ASP A 194 -6.39 -31.99 -2.72
CA ASP A 194 -5.70 -32.70 -3.80
C ASP A 194 -4.20 -32.80 -3.57
N SER A 195 -3.59 -31.76 -2.98
CA SER A 195 -2.14 -31.72 -2.78
C SER A 195 -1.67 -32.61 -1.64
N THR A 196 -2.56 -32.99 -0.73
CA THR A 196 -2.16 -33.87 0.35
C THR A 196 -2.16 -35.34 -0.08
N HIS A 197 -2.95 -35.70 -1.09
CA HIS A 197 -3.02 -37.06 -1.62
C HIS A 197 -1.97 -37.37 -2.67
N SER A 198 -1.40 -36.36 -3.33
CA SER A 198 -0.75 -36.60 -4.60
C SER A 198 0.78 -36.64 -4.52
N ALA A 199 1.37 -36.60 -3.33
CA ALA A 199 2.84 -36.60 -3.18
C ALA A 199 3.45 -35.47 -4.02
N LEU A 200 3.17 -34.25 -3.56
CA LEU A 200 3.60 -33.04 -4.24
C LEU A 200 5.10 -33.07 -4.54
N PRO A 201 5.53 -32.66 -5.73
CA PRO A 201 6.94 -32.40 -5.97
C PRO A 201 7.49 -31.43 -4.95
N PRO A 202 8.81 -31.41 -4.72
CA PRO A 202 9.35 -30.60 -3.62
C PRO A 202 9.96 -29.28 -4.11
N LEU A 203 10.23 -28.36 -3.19
CA LEU A 203 11.23 -27.34 -3.46
C LEU A 203 12.53 -28.05 -3.81
N GLY A 204 13.32 -27.42 -4.71
CA GLY A 204 14.61 -27.96 -5.10
C GLY A 204 14.75 -28.00 -6.59
N PRO A 205 14.26 -29.05 -7.21
CA PRO A 205 14.04 -29.05 -8.66
C PRO A 205 13.00 -28.02 -9.08
N MET A 206 12.77 -27.86 -10.39
CA MET A 206 11.92 -26.76 -10.84
C MET A 206 10.47 -27.20 -10.98
N SER A 207 9.58 -26.21 -11.01
CA SER A 207 8.15 -26.46 -11.06
C SER A 207 7.78 -27.14 -12.36
N ASN A 208 6.91 -28.15 -12.28
CA ASN A 208 6.28 -28.74 -13.46
C ASN A 208 5.00 -28.02 -13.84
N VAL A 209 4.67 -26.95 -13.13
CA VAL A 209 3.39 -26.26 -13.24
C VAL A 209 3.55 -24.78 -13.50
N ALA A 210 4.69 -24.18 -13.14
CA ALA A 210 4.92 -22.75 -13.40
C ALA A 210 4.80 -22.40 -14.87
N GLY A 211 5.14 -23.33 -15.75
CA GLY A 211 4.99 -23.05 -17.18
C GLY A 211 3.57 -22.70 -17.57
N GLU A 212 2.58 -23.45 -17.06
CA GLU A 212 1.20 -23.15 -17.42
C GLU A 212 0.70 -21.90 -16.70
N VAL A 213 1.10 -21.71 -15.45
CA VAL A 213 0.70 -20.51 -14.73
C VAL A 213 1.14 -19.27 -15.53
N ALA A 214 2.39 -19.26 -15.99
CA ALA A 214 2.87 -18.11 -16.73
C ALA A 214 2.08 -17.90 -18.01
N ASP A 215 1.90 -18.97 -18.80
CA ASP A 215 1.17 -18.89 -20.07
C ASP A 215 -0.22 -18.32 -19.87
N ARG A 216 -0.92 -18.82 -18.88
CA ARG A 216 -2.24 -18.30 -18.57
C ARG A 216 -2.17 -16.83 -18.17
N ILE A 217 -1.14 -16.43 -17.42
CA ILE A 217 -1.01 -15.03 -17.06
C ILE A 217 -0.75 -14.19 -18.31
N ARG A 218 0.17 -14.65 -19.17
CA ARG A 218 0.42 -13.96 -20.43
C ARG A 218 -0.86 -13.76 -21.23
N ALA A 219 -1.73 -14.79 -21.25
CA ALA A 219 -2.98 -14.71 -21.98
C ALA A 219 -3.97 -13.78 -21.29
N CYS A 220 -3.96 -13.78 -19.96
CA CYS A 220 -4.86 -12.95 -19.21
C CYS A 220 -4.53 -11.47 -19.30
N THR A 221 -3.24 -11.10 -19.52
CA THR A 221 -2.75 -9.77 -19.20
C THR A 221 -1.93 -9.10 -20.30
N GLY A 222 -1.37 -9.84 -21.25
CA GLY A 222 -0.63 -9.25 -22.32
C GLY A 222 0.87 -9.25 -22.14
N VAL A 223 1.36 -9.52 -20.94
CA VAL A 223 2.80 -9.51 -20.70
C VAL A 223 3.46 -10.65 -21.43
N GLU A 224 4.76 -10.50 -21.66
CA GLU A 224 5.50 -11.43 -22.50
C GLU A 224 6.25 -12.50 -21.71
N ARG A 225 6.83 -12.15 -20.55
CA ARG A 225 7.54 -13.10 -19.69
C ARG A 225 7.15 -12.88 -18.23
N VAL A 226 7.27 -13.92 -17.42
CA VAL A 226 6.70 -13.91 -16.06
C VAL A 226 7.69 -14.58 -15.10
N ALA A 227 7.82 -14.01 -13.90
CA ALA A 227 8.78 -14.49 -12.91
C ALA A 227 8.14 -14.54 -11.52
N PHE A 228 8.58 -15.49 -10.68
CA PHE A 228 7.85 -15.77 -9.45
C PHE A 228 8.73 -15.53 -8.21
N TYR A 229 8.22 -14.70 -7.30
CA TYR A 229 8.90 -14.37 -6.05
C TYR A 229 7.92 -14.64 -4.91
N ASN A 230 8.22 -14.07 -3.73
CA ASN A 230 7.69 -14.56 -2.46
C ASN A 230 6.74 -13.60 -1.80
N SER A 231 6.60 -12.39 -2.33
CA SER A 231 5.76 -11.35 -1.75
C SER A 231 5.68 -10.26 -2.79
N GLY A 232 4.76 -9.33 -2.57
CA GLY A 232 4.77 -8.11 -3.35
C GLY A 232 6.03 -7.28 -3.14
N THR A 233 6.47 -7.18 -1.87
CA THR A 233 7.68 -6.41 -1.62
C THR A 233 8.83 -6.93 -2.46
N GLU A 234 8.99 -8.25 -2.51
CA GLU A 234 10.06 -8.83 -3.32
C GLU A 234 9.85 -8.52 -4.79
N ALA A 235 8.60 -8.65 -5.28
CA ALA A 235 8.30 -8.37 -6.68
C ALA A 235 8.67 -6.93 -7.02
N VAL A 236 8.33 -5.97 -6.16
CA VAL A 236 8.72 -4.59 -6.45
C VAL A 236 10.23 -4.45 -6.48
N MET A 237 10.87 -4.82 -5.36
CA MET A 237 12.32 -4.83 -5.29
C MET A 237 12.97 -5.38 -6.56
N VAL A 238 12.49 -6.51 -7.05
CA VAL A 238 13.12 -7.10 -8.23
C VAL A 238 12.79 -6.31 -9.49
N ALA A 239 11.64 -5.66 -9.55
CA ALA A 239 11.27 -4.93 -10.75
C ALA A 239 12.21 -3.75 -10.96
N LEU A 240 12.38 -2.94 -9.90
CA LEU A 240 13.36 -1.86 -9.94
C LEU A 240 14.72 -2.37 -10.38
N ARG A 241 15.18 -3.47 -9.79
CA ARG A 241 16.47 -4.01 -10.17
C ARG A 241 16.52 -4.33 -11.66
N LEU A 242 15.39 -4.68 -12.26
CA LEU A 242 15.35 -5.02 -13.67
C LEU A 242 15.41 -3.77 -14.53
N ALA A 243 14.60 -2.75 -14.20
CA ALA A 243 14.69 -1.48 -14.89
C ALA A 243 16.10 -0.89 -14.79
N ARG A 244 16.72 -0.96 -13.61
CA ARG A 244 18.09 -0.44 -13.48
C ARG A 244 19.07 -1.24 -14.33
N ALA A 245 18.91 -2.56 -14.39
CA ALA A 245 19.89 -3.35 -15.11
C ALA A 245 19.74 -3.20 -16.62
N ALA A 246 18.52 -2.95 -17.09
CA ALA A 246 18.30 -2.88 -18.52
C ALA A 246 18.64 -1.50 -19.08
N THR A 247 18.36 -0.43 -18.34
CA THR A 247 18.63 0.94 -18.73
C THR A 247 20.03 1.43 -18.36
N GLY A 248 20.82 0.63 -17.65
CA GLY A 248 22.14 1.05 -17.19
C GLY A 248 22.08 2.27 -16.29
N ARG A 249 20.85 2.69 -15.98
CA ARG A 249 20.59 3.86 -15.16
C ARG A 249 20.31 3.44 -13.73
N THR A 250 20.13 4.44 -12.85
CA THR A 250 19.96 4.19 -11.42
C THR A 250 18.85 5.00 -10.78
N LYS A 251 18.48 6.16 -11.30
CA LYS A 251 17.49 6.93 -10.58
C LYS A 251 16.09 6.41 -10.91
N VAL A 252 15.17 6.65 -9.98
CA VAL A 252 13.81 6.12 -10.08
C VAL A 252 12.86 7.10 -9.44
N VAL A 253 11.72 7.33 -10.09
CA VAL A 253 10.62 8.11 -9.57
C VAL A 253 9.54 7.15 -9.10
N VAL A 254 8.97 7.44 -7.92
CA VAL A 254 7.72 6.86 -7.45
C VAL A 254 6.91 8.05 -6.96
N PHE A 255 5.66 7.81 -6.60
CA PHE A 255 4.74 8.91 -6.37
C PHE A 255 4.28 8.96 -4.92
N ALA A 256 4.06 10.19 -4.46
CA ALA A 256 3.60 10.39 -3.11
C ALA A 256 2.22 9.78 -2.94
N GLY A 257 2.05 8.98 -1.90
CA GLY A 257 0.81 8.32 -1.60
C GLY A 257 0.67 6.91 -2.16
N SER A 258 1.56 6.49 -3.06
CA SER A 258 1.57 5.12 -3.56
C SER A 258 2.04 4.19 -2.44
N TYR A 259 1.87 2.88 -2.65
CA TYR A 259 2.41 1.88 -1.71
C TYR A 259 3.01 0.74 -2.52
N HIS A 260 4.30 0.47 -2.30
CA HIS A 260 5.02 -0.47 -3.15
C HIS A 260 5.76 -1.50 -2.32
N GLY A 261 5.33 -1.73 -1.10
CA GLY A 261 5.99 -2.73 -0.30
C GLY A 261 6.95 -2.10 0.69
N THR A 262 7.71 -2.96 1.34
CA THR A 262 8.60 -2.49 2.40
C THR A 262 10.07 -2.57 2.00
N PHE A 263 10.36 -2.71 0.71
CA PHE A 263 11.75 -2.58 0.25
C PHE A 263 12.25 -1.16 0.51
N ASP A 264 13.42 -1.05 1.13
CA ASP A 264 13.89 0.25 1.61
C ASP A 264 13.93 1.29 0.49
N GLY A 265 14.56 0.94 -0.64
CA GLY A 265 14.73 1.82 -1.78
C GLY A 265 13.49 2.48 -2.35
N VAL A 266 12.31 2.16 -1.81
CA VAL A 266 11.08 2.87 -2.12
C VAL A 266 10.45 3.47 -0.88
N LEU A 267 11.03 3.26 0.29
CA LEU A 267 10.47 3.83 1.52
C LEU A 267 11.06 5.22 1.69
N GLY A 268 10.35 6.23 1.20
CA GLY A 268 10.82 7.59 1.23
C GLY A 268 9.66 8.56 1.31
N VAL A 269 10.00 9.84 1.37
CA VAL A 269 9.01 10.92 1.37
C VAL A 269 9.55 12.03 0.47
N ALA A 270 8.67 12.94 0.09
CA ALA A 270 9.08 14.03 -0.79
C ALA A 270 10.01 14.99 -0.05
N ASN A 271 11.24 15.13 -0.55
CA ASN A 271 12.04 16.30 -0.23
C ASN A 271 11.26 17.56 -0.58
N THR A 272 11.18 18.46 0.36
CA THR A 272 10.40 19.66 0.16
C THR A 272 10.83 20.50 -0.98
N LYS A 273 9.77 20.87 -1.70
CA LYS A 273 9.73 21.59 -2.96
C LYS A 273 10.90 21.19 -3.79
N GLY A 274 10.85 19.93 -4.17
CA GLY A 274 11.87 19.32 -4.95
C GLY A 274 11.25 18.79 -6.16
N GLY A 275 12.05 18.75 -7.22
CA GLY A 275 11.59 18.24 -8.50
C GLY A 275 12.44 17.03 -8.71
N ALA A 276 13.66 17.26 -9.21
CA ALA A 276 14.61 16.17 -9.36
C ALA A 276 15.41 15.92 -8.09
N GLU A 277 14.89 16.35 -6.93
CA GLU A 277 15.73 16.28 -5.73
C GLU A 277 15.51 14.95 -4.99
N PRO A 278 16.61 14.34 -4.55
CA PRO A 278 16.53 13.08 -3.78
C PRO A 278 15.56 13.21 -2.61
N ALA A 279 15.00 12.06 -2.23
CA ALA A 279 13.94 12.02 -1.23
C ALA A 279 14.50 11.88 0.19
N ASN A 280 13.60 12.00 1.16
CA ASN A 280 13.94 11.86 2.57
C ASN A 280 13.43 10.52 3.12
N PRO A 281 14.17 9.88 4.04
CA PRO A 281 13.72 8.60 4.59
C PRO A 281 12.35 8.69 5.26
N LEU A 282 11.60 7.59 5.15
CA LEU A 282 10.24 7.56 5.67
C LEU A 282 10.24 7.54 7.18
N ALA A 283 11.21 6.86 7.76
CA ALA A 283 11.15 6.49 9.17
C ALA A 283 12.54 6.12 9.62
N PRO A 284 12.78 6.07 10.94
CA PRO A 284 14.09 5.66 11.46
C PRO A 284 14.55 4.34 10.88
N GLY A 285 15.84 4.22 10.64
CA GLY A 285 16.41 2.98 10.16
C GLY A 285 16.50 2.87 8.66
N ILE A 286 15.86 3.78 7.93
CA ILE A 286 16.04 3.88 6.49
C ILE A 286 17.13 4.91 6.24
N PRO A 287 18.33 4.50 5.81
CA PRO A 287 19.42 5.47 5.63
C PRO A 287 19.24 6.27 4.35
N GLN A 288 19.61 7.55 4.40
CA GLN A 288 19.42 8.40 3.24
C GLN A 288 20.21 7.93 2.03
N SER A 289 21.23 7.11 2.24
CA SER A 289 21.92 6.55 1.08
C SER A 289 20.93 5.83 0.18
N PHE A 290 19.93 5.18 0.78
CA PHE A 290 18.94 4.41 0.03
C PHE A 290 17.98 5.33 -0.72
N MET A 291 17.95 6.61 -0.35
CA MET A 291 17.05 7.60 -0.93
C MET A 291 17.68 8.37 -2.09
N ASN A 292 18.98 8.18 -2.34
CA ASN A 292 19.66 9.09 -3.26
C ASN A 292 19.37 8.77 -4.71
N ASP A 293 18.96 7.54 -5.02
CA ASP A 293 18.45 7.22 -6.35
C ASP A 293 16.93 7.13 -6.35
N LEU A 294 16.25 7.96 -5.55
CA LEU A 294 14.80 7.94 -5.48
C LEU A 294 14.27 9.35 -5.43
N ILE A 295 13.20 9.60 -6.21
CA ILE A 295 12.53 10.89 -6.30
C ILE A 295 11.04 10.66 -6.11
N ILE A 296 10.43 11.36 -5.16
CA ILE A 296 8.99 11.34 -4.97
C ILE A 296 8.43 12.58 -5.66
N LEU A 297 7.30 12.42 -6.34
CA LEU A 297 6.60 13.53 -7.00
C LEU A 297 5.11 13.37 -6.72
N HIS A 298 4.37 14.47 -6.82
CA HIS A 298 2.92 14.40 -6.59
C HIS A 298 2.24 13.68 -7.75
N TYR A 299 1.15 12.98 -7.43
CA TYR A 299 0.45 12.14 -8.39
C TYR A 299 -0.65 12.96 -9.06
N ASN A 300 -0.73 12.87 -10.40
CA ASN A 300 -1.80 13.48 -11.19
C ASN A 300 -1.75 15.01 -11.19
N HIS A 301 -0.55 15.58 -11.03
CA HIS A 301 -0.33 17.02 -11.08
C HIS A 301 0.60 17.30 -12.24
N PRO A 302 0.20 18.11 -13.22
CA PRO A 302 0.95 18.19 -14.49
C PRO A 302 2.40 18.56 -14.31
N ASP A 303 2.76 19.20 -13.20
CA ASP A 303 4.15 19.55 -12.96
C ASP A 303 5.05 18.31 -13.01
N SER A 304 4.53 17.17 -12.56
CA SER A 304 5.38 16.01 -12.32
C SER A 304 5.85 15.38 -13.63
N LEU A 305 4.96 15.35 -14.63
CA LEU A 305 5.38 14.87 -15.95
C LEU A 305 6.49 15.75 -16.50
N ASP A 306 6.41 17.06 -16.24
CA ASP A 306 7.46 17.97 -16.65
C ASP A 306 8.80 17.60 -16.02
N VAL A 307 8.82 17.38 -14.70
CA VAL A 307 10.07 16.97 -14.04
C VAL A 307 10.61 15.69 -14.67
N ILE A 308 9.74 14.71 -14.92
CA ILE A 308 10.17 13.49 -15.60
C ILE A 308 10.69 13.83 -16.98
N ARG A 309 9.92 14.60 -17.74
CA ARG A 309 10.37 15.15 -19.03
C ARG A 309 11.73 15.84 -18.88
N ASN A 310 11.86 16.71 -17.88
CA ASN A 310 13.14 17.38 -17.62
C ASN A 310 14.25 16.38 -17.39
N LEU A 311 13.95 15.28 -16.69
CA LEU A 311 14.97 14.28 -16.43
C LEU A 311 15.35 13.53 -17.69
N GLY A 312 14.46 13.42 -18.66
CA GLY A 312 14.83 12.91 -19.96
C GLY A 312 15.38 11.51 -19.88
N ASN A 313 16.63 11.34 -20.30
CA ASN A 313 17.27 10.03 -20.30
C ASN A 313 17.90 9.71 -18.94
N GLU A 314 17.38 10.30 -17.87
CA GLU A 314 17.99 10.00 -16.58
C GLU A 314 17.34 8.80 -15.90
N LEU A 315 16.01 8.75 -15.91
CA LEU A 315 15.28 7.77 -15.10
C LEU A 315 15.50 6.37 -15.63
N ALA A 316 15.89 5.47 -14.73
CA ALA A 316 15.79 4.04 -15.02
C ALA A 316 14.34 3.60 -15.08
N ALA A 317 13.48 4.21 -14.27
CA ALA A 317 12.12 3.75 -14.22
C ALA A 317 11.25 4.80 -13.57
N VAL A 318 9.97 4.77 -13.90
CA VAL A 318 8.90 5.39 -13.14
C VAL A 318 8.01 4.26 -12.65
N LEU A 319 7.64 4.31 -11.39
CA LEU A 319 6.92 3.22 -10.74
C LEU A 319 5.66 3.84 -10.18
N VAL A 320 4.53 3.46 -10.73
CA VAL A 320 3.27 4.11 -10.40
C VAL A 320 2.31 3.07 -9.87
N GLU A 321 1.57 3.44 -8.83
CA GLU A 321 0.42 2.64 -8.46
C GLU A 321 -0.78 3.13 -9.27
N PRO A 322 -1.11 2.48 -10.44
CA PRO A 322 -2.16 2.99 -11.35
C PRO A 322 -3.32 3.69 -10.67
N VAL A 323 -4.00 3.00 -9.77
CA VAL A 323 -4.99 3.59 -8.87
C VAL A 323 -4.49 3.37 -7.45
N GLN A 324 -4.25 4.46 -6.72
CA GLN A 324 -3.66 4.36 -5.40
C GLN A 324 -4.67 3.80 -4.42
N SER A 325 -4.34 2.67 -3.78
CA SER A 325 -5.19 2.11 -2.73
C SER A 325 -5.63 3.15 -1.70
N ARG A 326 -4.90 4.26 -1.55
CA ARG A 326 -5.36 5.34 -0.66
C ARG A 326 -6.48 6.17 -1.27
N ARG A 327 -6.40 6.45 -2.58
CA ARG A 327 -7.40 7.25 -3.28
C ARG A 327 -7.98 6.43 -4.42
N PRO A 328 -8.93 5.54 -4.13
CA PRO A 328 -9.62 4.78 -5.20
C PRO A 328 -10.46 5.66 -6.11
N ASP A 329 -10.55 6.96 -5.81
CA ASP A 329 -11.13 7.93 -6.71
C ASP A 329 -10.17 8.27 -7.84
N LEU A 330 -8.98 8.70 -7.46
CA LEU A 330 -8.03 9.23 -8.43
C LEU A 330 -7.75 8.13 -9.44
N GLN A 331 -8.52 8.11 -10.55
CA GLN A 331 -8.29 7.15 -11.62
C GLN A 331 -7.69 7.89 -12.81
N PRO A 332 -6.44 8.29 -12.70
CA PRO A 332 -5.87 9.35 -13.55
C PRO A 332 -5.53 8.84 -14.93
N GLU A 333 -6.59 8.49 -15.67
CA GLU A 333 -6.42 8.05 -17.06
C GLU A 333 -5.43 8.94 -17.79
N SER A 334 -5.77 10.23 -17.90
CA SER A 334 -4.99 11.16 -18.72
C SER A 334 -3.53 11.19 -18.31
N PHE A 335 -3.27 11.35 -17.01
CA PHE A 335 -1.90 11.29 -16.49
C PHE A 335 -1.15 10.07 -17.02
N LEU A 336 -1.76 8.88 -16.94
CA LEU A 336 -1.02 7.65 -17.18
C LEU A 336 -0.61 7.51 -18.64
N LYS A 337 -1.53 7.79 -19.57
CA LYS A 337 -1.15 7.71 -20.97
C LYS A 337 -0.05 8.71 -21.29
N GLU A 338 -0.19 9.93 -20.76
CA GLU A 338 0.89 10.90 -20.84
C GLU A 338 2.17 10.33 -20.25
N LEU A 339 2.06 9.74 -19.06
CA LEU A 339 3.20 9.08 -18.42
C LEU A 339 3.79 8.00 -19.32
N ARG A 340 2.94 7.33 -20.10
CA ARG A 340 3.44 6.28 -20.98
C ARG A 340 4.24 6.85 -22.16
N ALA A 341 3.72 7.91 -22.78
CA ALA A 341 4.44 8.54 -23.88
C ALA A 341 5.81 9.01 -23.44
N ILE A 342 5.85 9.77 -22.34
CA ILE A 342 7.13 10.30 -21.85
C ILE A 342 8.15 9.17 -21.71
N THR A 343 7.87 8.22 -20.81
CA THR A 343 8.84 7.16 -20.51
C THR A 343 9.21 6.36 -21.75
N GLN A 344 8.31 6.29 -22.73
CA GLN A 344 8.57 5.43 -23.88
C GLN A 344 9.64 6.04 -24.80
N GLN A 345 9.63 7.36 -25.00
CA GLN A 345 10.62 7.89 -25.93
C GLN A 345 11.99 8.07 -25.27
N SER A 346 12.04 8.28 -23.96
CA SER A 346 13.31 8.37 -23.25
C SER A 346 13.95 7.01 -22.92
N GLY A 347 13.40 5.91 -23.42
CA GLY A 347 13.95 4.61 -23.07
C GLY A 347 13.85 4.27 -21.60
N THR A 348 12.90 4.87 -20.89
CA THR A 348 12.71 4.64 -19.47
C THR A 348 11.66 3.56 -19.28
N ALA A 349 11.93 2.63 -18.36
CA ALA A 349 10.95 1.59 -18.05
C ALA A 349 9.78 2.15 -17.25
N LEU A 350 8.57 1.85 -17.69
CA LEU A 350 7.38 2.18 -16.92
C LEU A 350 6.97 0.91 -16.17
N ILE A 351 6.82 1.02 -14.84
CA ILE A 351 6.53 -0.09 -13.94
C ILE A 351 5.18 0.18 -13.30
N MET A 352 4.20 -0.66 -13.58
CA MET A 352 2.89 -0.49 -12.96
C MET A 352 2.75 -1.50 -11.84
N ASP A 353 2.33 -1.03 -10.68
CA ASP A 353 2.22 -1.90 -9.50
C ASP A 353 0.78 -2.37 -9.36
N GLU A 354 0.52 -3.58 -9.86
CA GLU A 354 -0.84 -4.10 -9.90
C GLU A 354 -1.10 -5.11 -8.79
N ILE A 355 -0.42 -4.94 -7.65
CA ILE A 355 -0.51 -5.94 -6.60
C ILE A 355 -1.88 -5.95 -5.95
N ILE A 356 -2.57 -4.81 -5.94
CA ILE A 356 -3.93 -4.77 -5.43
C ILE A 356 -4.96 -4.82 -6.57
N THR A 357 -4.70 -4.13 -7.66
CA THR A 357 -5.70 -3.99 -8.72
C THR A 357 -5.66 -5.11 -9.73
N GLY A 358 -4.50 -5.77 -9.87
CA GLY A 358 -4.38 -6.85 -10.83
C GLY A 358 -5.28 -8.01 -10.47
N PHE A 359 -5.96 -8.53 -11.48
CA PHE A 359 -7.00 -9.56 -11.29
C PHE A 359 -8.07 -9.13 -10.31
N ARG A 360 -8.19 -7.83 -10.01
CA ARG A 360 -9.35 -7.34 -9.28
C ARG A 360 -10.27 -6.46 -10.10
N ILE A 361 -9.77 -5.38 -10.71
CA ILE A 361 -10.64 -4.54 -11.52
C ILE A 361 -11.24 -5.38 -12.65
N GLY A 362 -10.47 -6.32 -13.16
CA GLY A 362 -10.87 -7.18 -14.25
C GLY A 362 -9.72 -8.12 -14.45
N LEU A 363 -9.98 -9.17 -15.23
CA LEU A 363 -8.97 -10.19 -15.40
C LEU A 363 -7.66 -9.63 -15.93
N GLY A 364 -7.72 -8.61 -16.74
CA GLY A 364 -6.52 -8.02 -17.32
C GLY A 364 -5.92 -6.89 -16.52
N GLY A 365 -6.53 -6.54 -15.37
CA GLY A 365 -5.92 -5.61 -14.45
C GLY A 365 -6.17 -4.14 -14.79
N ALA A 366 -5.36 -3.28 -14.16
CA ALA A 366 -5.40 -1.84 -14.46
C ALA A 366 -4.88 -1.56 -15.85
N GLN A 367 -3.90 -2.33 -16.31
CA GLN A 367 -3.39 -2.17 -17.66
C GLN A 367 -4.50 -2.27 -18.71
N GLU A 368 -5.47 -3.18 -18.49
CA GLU A 368 -6.56 -3.41 -19.43
C GLU A 368 -7.67 -2.38 -19.24
N TRP A 369 -7.91 -1.97 -18.00
CA TRP A 369 -8.94 -0.99 -17.71
C TRP A 369 -8.59 0.39 -18.24
N PHE A 370 -7.31 0.78 -18.16
CA PHE A 370 -6.83 2.06 -18.68
C PHE A 370 -6.24 1.94 -20.08
N ASP A 371 -6.27 0.76 -20.69
CA ASP A 371 -5.68 0.52 -22.01
C ASP A 371 -4.25 1.05 -22.11
N ILE A 372 -3.45 0.81 -21.06
CA ILE A 372 -2.04 1.15 -21.04
C ILE A 372 -1.24 -0.14 -20.87
N GLN A 373 -0.18 -0.28 -21.65
CA GLN A 373 0.69 -1.44 -21.60
C GLN A 373 2.06 -1.02 -21.08
N ALA A 374 2.40 -1.41 -19.85
CA ALA A 374 3.64 -1.00 -19.21
C ALA A 374 4.80 -1.90 -19.63
N ASP A 375 6.01 -1.58 -19.16
CA ASP A 375 7.21 -2.36 -19.49
C ASP A 375 7.42 -3.51 -18.50
N LEU A 376 7.01 -3.29 -17.25
CA LEU A 376 7.02 -4.27 -16.18
C LEU A 376 5.81 -3.96 -15.32
N VAL A 377 5.17 -5.01 -14.83
CA VAL A 377 4.07 -4.94 -13.89
C VAL A 377 4.44 -5.88 -12.75
N THR A 378 3.89 -5.62 -11.56
CA THR A 378 4.01 -6.54 -10.46
C THR A 378 2.61 -6.94 -10.01
N TYR A 379 2.45 -8.24 -9.77
CA TYR A 379 1.22 -8.80 -9.23
C TYR A 379 1.51 -9.47 -7.90
N GLY A 380 0.46 -9.59 -7.12
CA GLY A 380 0.54 -10.32 -5.88
C GLY A 380 -0.84 -10.56 -5.35
N LYS A 381 -0.93 -10.63 -4.03
CA LYS A 381 -2.20 -10.80 -3.31
C LYS A 381 -3.18 -11.87 -3.81
N ILE A 382 -4.03 -11.49 -4.76
CA ILE A 382 -5.08 -12.40 -5.25
C ILE A 382 -4.47 -13.56 -6.00
N ILE A 383 -3.47 -13.29 -6.84
CA ILE A 383 -2.92 -14.27 -7.77
C ILE A 383 -2.25 -15.45 -7.05
N GLY A 384 -2.12 -15.39 -5.72
CA GLY A 384 -1.58 -16.49 -4.93
C GLY A 384 -2.62 -17.44 -4.38
N GLY A 385 -3.91 -17.15 -4.59
CA GLY A 385 -4.92 -18.08 -4.13
C GLY A 385 -5.01 -18.24 -2.64
N GLY A 386 -4.53 -17.28 -1.86
CA GLY A 386 -4.41 -17.45 -0.45
C GLY A 386 -3.00 -17.71 0.02
N GLN A 387 -2.15 -18.11 -0.86
CA GLN A 387 -0.75 -18.41 -0.54
C GLN A 387 0.16 -17.23 -0.86
N PRO A 388 1.34 -17.17 -0.23
CA PRO A 388 2.25 -16.03 -0.47
C PRO A 388 2.75 -16.02 -1.90
N LEU A 389 2.68 -14.85 -2.52
CA LEU A 389 3.16 -14.79 -3.90
C LEU A 389 3.37 -13.36 -4.31
N GLY A 390 4.43 -13.14 -5.07
CA GLY A 390 4.65 -11.89 -5.75
C GLY A 390 5.18 -12.23 -7.11
N ILE A 391 4.76 -11.46 -8.11
CA ILE A 391 5.16 -11.73 -9.48
C ILE A 391 5.69 -10.45 -10.12
N VAL A 392 6.71 -10.60 -10.96
CA VAL A 392 7.13 -9.52 -11.85
C VAL A 392 7.13 -10.07 -13.28
N ALA A 393 6.44 -9.33 -14.17
CA ALA A 393 6.25 -9.70 -15.57
C ALA A 393 6.30 -8.46 -16.47
N GLY A 394 6.71 -8.66 -17.73
CA GLY A 394 6.62 -7.57 -18.69
C GLY A 394 7.33 -7.90 -19.98
N LYS A 395 7.79 -6.84 -20.66
CA LYS A 395 8.42 -7.05 -21.96
C LYS A 395 9.75 -7.76 -21.82
N ALA A 396 10.10 -8.55 -22.83
CA ALA A 396 11.37 -9.26 -22.80
C ALA A 396 12.55 -8.31 -22.65
N GLU A 397 12.38 -7.05 -23.06
CA GLU A 397 13.52 -6.13 -23.13
C GLU A 397 14.13 -5.96 -21.74
N PHE A 398 13.32 -6.11 -20.70
CA PHE A 398 13.73 -6.04 -19.31
C PHE A 398 13.75 -7.40 -18.63
N MET A 399 12.69 -8.18 -18.81
CA MET A 399 12.64 -9.53 -18.27
C MET A 399 13.86 -10.33 -18.68
N ASN A 400 14.45 -10.01 -19.84
CA ASN A 400 15.67 -10.69 -20.26
C ASN A 400 16.80 -10.48 -19.26
N THR A 401 16.70 -9.49 -18.37
CA THR A 401 17.69 -9.31 -17.32
C THR A 401 17.64 -10.43 -16.29
N ILE A 402 16.54 -11.19 -16.22
CA ILE A 402 16.44 -12.27 -15.25
C ILE A 402 17.26 -13.50 -15.70
N ASP A 403 17.02 -14.01 -16.90
CA ASP A 403 17.76 -15.18 -17.39
C ASP A 403 18.79 -14.87 -18.47
N GLY A 404 18.88 -13.62 -18.92
CA GLY A 404 19.80 -13.28 -19.98
C GLY A 404 19.29 -13.52 -21.38
N GLY A 405 17.99 -13.75 -21.56
CA GLY A 405 17.46 -13.88 -22.90
C GLY A 405 17.18 -15.33 -23.29
N THR A 406 16.12 -15.51 -24.07
CA THR A 406 15.78 -16.80 -24.64
C THR A 406 16.95 -17.39 -25.41
N TRP A 407 16.85 -18.68 -25.69
CA TRP A 407 17.69 -19.41 -26.64
C TRP A 407 17.09 -20.79 -26.80
N GLN A 408 17.59 -21.52 -27.80
CA GLN A 408 16.98 -22.75 -28.27
C GLN A 408 18.03 -23.84 -28.31
N TYR A 409 17.56 -25.06 -28.44
CA TYR A 409 18.44 -26.15 -28.57
C TYR A 409 18.51 -26.44 -30.05
N GLY A 410 19.58 -27.06 -30.49
CA GLY A 410 19.73 -27.34 -31.89
C GLY A 410 20.35 -26.24 -32.75
N ASP A 411 20.39 -25.03 -32.22
CA ASP A 411 21.04 -23.99 -32.96
C ASP A 411 22.21 -23.71 -32.05
N ASP A 412 22.90 -22.61 -32.26
CA ASP A 412 24.02 -22.37 -31.43
C ASP A 412 23.86 -21.03 -30.84
N SER A 413 22.66 -20.76 -30.36
CA SER A 413 22.38 -19.50 -29.75
C SER A 413 22.89 -19.28 -28.33
N TYR A 414 22.45 -18.26 -27.68
CA TYR A 414 23.11 -17.98 -26.43
C TYR A 414 22.35 -16.86 -25.74
N PRO A 415 22.44 -16.76 -24.40
CA PRO A 415 21.83 -15.63 -23.71
C PRO A 415 22.46 -14.34 -24.20
N THR A 416 21.70 -13.56 -24.96
CA THR A 416 22.30 -12.40 -25.62
C THR A 416 22.47 -11.23 -24.66
N ASP A 417 21.54 -11.05 -23.71
CA ASP A 417 21.64 -10.03 -22.67
C ASP A 417 22.54 -10.43 -21.51
N GLU A 418 23.47 -11.35 -21.74
CA GLU A 418 24.27 -11.90 -20.65
C GLU A 418 24.94 -10.80 -19.82
N ALA A 419 25.36 -9.70 -20.45
CA ALA A 419 26.08 -8.64 -19.76
C ALA A 419 25.15 -7.64 -19.09
N LYS A 420 23.84 -7.82 -19.23
CA LYS A 420 22.88 -7.06 -18.44
C LYS A 420 22.21 -7.92 -17.37
N ARG A 421 22.57 -9.19 -17.27
CA ARG A 421 21.88 -10.10 -16.34
C ARG A 421 22.16 -9.72 -14.90
N THR A 422 21.11 -9.60 -14.09
CA THR A 422 21.29 -9.20 -12.71
C THR A 422 21.21 -10.44 -11.79
N PHE A 423 21.10 -10.20 -10.48
CA PHE A 423 21.06 -11.28 -9.51
C PHE A 423 19.70 -11.32 -8.85
N VAL A 424 19.04 -12.48 -8.94
CA VAL A 424 17.82 -12.75 -8.18
C VAL A 424 17.86 -14.20 -7.75
N ALA A 425 17.17 -14.51 -6.65
CA ALA A 425 17.13 -15.87 -6.17
C ALA A 425 15.90 -16.04 -5.27
N GLY A 426 15.91 -17.08 -4.45
CA GLY A 426 14.83 -17.27 -3.50
C GLY A 426 14.51 -18.73 -3.24
N THR A 427 14.52 -19.12 -1.97
CA THR A 427 14.30 -20.53 -1.63
C THR A 427 12.91 -20.98 -2.04
N PHE A 428 11.91 -20.13 -1.80
CA PHE A 428 10.51 -20.52 -1.90
C PHE A 428 9.87 -20.09 -3.22
N ASN A 429 10.66 -19.65 -4.20
CA ASN A 429 10.13 -19.30 -5.50
C ASN A 429 9.43 -20.50 -6.16
N THR A 430 8.29 -20.24 -6.79
CA THR A 430 7.49 -21.25 -7.47
C THR A 430 7.24 -22.46 -6.55
N HIS A 431 6.94 -22.15 -5.30
CA HIS A 431 6.59 -23.16 -4.30
C HIS A 431 5.54 -24.11 -4.87
N PRO A 432 5.70 -25.43 -4.70
CA PRO A 432 4.83 -26.36 -5.45
C PRO A 432 3.34 -26.22 -5.13
N LEU A 433 2.98 -25.97 -3.87
CA LEU A 433 1.58 -25.73 -3.49
C LEU A 433 1.09 -24.39 -4.03
N THR A 434 1.81 -23.32 -3.71
CA THR A 434 1.50 -21.99 -4.23
C THR A 434 1.29 -21.98 -5.73
N MET A 435 2.21 -22.57 -6.50
CA MET A 435 1.99 -22.60 -7.95
C MET A 435 0.67 -23.29 -8.32
N ARG A 436 0.25 -24.29 -7.52
CA ARG A 436 -1.00 -24.98 -7.79
C ARG A 436 -2.20 -24.16 -7.39
N MET A 437 -2.08 -23.33 -6.35
CA MET A 437 -3.18 -22.47 -5.96
C MET A 437 -3.39 -21.32 -6.95
N SER A 438 -2.29 -20.72 -7.39
CA SER A 438 -2.31 -19.80 -8.52
C SER A 438 -2.94 -20.42 -9.75
N LEU A 439 -2.49 -21.62 -10.14
CA LEU A 439 -3.01 -22.24 -11.34
C LEU A 439 -4.53 -22.35 -11.28
N ALA A 440 -5.05 -22.68 -10.11
CA ALA A 440 -6.48 -22.86 -9.92
C ALA A 440 -7.23 -21.52 -10.01
N VAL A 441 -6.78 -20.48 -9.30
CA VAL A 441 -7.29 -19.11 -9.46
C VAL A 441 -7.45 -18.74 -10.93
N LEU A 442 -6.41 -18.92 -11.72
CA LEU A 442 -6.46 -18.54 -13.13
C LEU A 442 -7.45 -19.40 -13.94
N ARG A 443 -7.39 -20.73 -13.79
CA ARG A 443 -8.39 -21.58 -14.43
C ARG A 443 -9.80 -21.16 -14.03
N TYR A 444 -10.02 -21.00 -12.72
CA TYR A 444 -11.34 -20.52 -12.28
C TYR A 444 -11.69 -19.19 -12.93
N LEU A 445 -10.72 -18.28 -13.04
CA LEU A 445 -11.04 -16.96 -13.55
C LEU A 445 -11.31 -17.03 -15.04
N GLN A 446 -10.55 -17.84 -15.77
CA GLN A 446 -10.81 -18.01 -17.18
C GLN A 446 -12.05 -18.88 -17.45
N ALA A 447 -12.47 -19.69 -16.48
CA ALA A 447 -13.73 -20.43 -16.59
C ALA A 447 -14.90 -19.51 -16.36
N GLU A 448 -14.92 -18.81 -15.23
CA GLU A 448 -15.91 -17.74 -15.06
C GLU A 448 -15.66 -16.69 -16.13
N GLY A 449 -16.69 -15.93 -16.43
CA GLY A 449 -16.56 -14.94 -17.49
C GLY A 449 -16.07 -13.60 -16.97
N GLU A 450 -15.98 -12.65 -17.91
CA GLU A 450 -16.07 -11.25 -17.55
C GLU A 450 -17.20 -11.03 -16.57
N THR A 451 -18.24 -11.86 -16.64
CA THR A 451 -19.40 -11.62 -15.79
C THR A 451 -19.12 -11.85 -14.31
N LEU A 452 -18.05 -12.55 -13.92
CA LEU A 452 -17.69 -12.58 -12.49
C LEU A 452 -17.32 -11.18 -12.01
N TYR A 453 -16.50 -10.49 -12.80
CA TYR A 453 -16.05 -9.14 -12.46
C TYR A 453 -17.19 -8.13 -12.51
N GLU A 454 -18.00 -8.18 -13.57
CA GLU A 454 -19.18 -7.30 -13.67
C GLU A 454 -20.12 -7.49 -12.49
N ARG A 455 -20.33 -8.72 -12.04
CA ARG A 455 -21.21 -8.94 -10.89
C ARG A 455 -20.54 -8.52 -9.58
N LEU A 456 -19.21 -8.55 -9.50
CA LEU A 456 -18.57 -8.07 -8.28
C LEU A 456 -18.57 -6.55 -8.23
N ASN A 457 -18.18 -5.91 -9.35
CA ASN A 457 -18.16 -4.46 -9.39
C ASN A 457 -19.56 -3.89 -9.15
N GLN A 458 -20.55 -4.35 -9.90
CA GLN A 458 -21.93 -3.87 -9.72
C GLN A 458 -22.42 -4.12 -8.31
N LYS A 459 -21.99 -5.22 -7.68
CA LYS A 459 -22.37 -5.42 -6.29
C LYS A 459 -21.74 -4.34 -5.41
N THR A 460 -20.53 -3.92 -5.77
CA THR A 460 -19.81 -2.96 -4.96
C THR A 460 -20.35 -1.57 -5.18
N THR A 461 -20.67 -1.23 -6.44
CA THR A 461 -21.34 0.03 -6.72
C THR A 461 -22.63 0.18 -5.92
N TYR A 462 -23.51 -0.82 -5.96
CA TYR A 462 -24.71 -0.76 -5.13
C TYR A 462 -24.36 -0.34 -3.71
N LEU A 463 -23.39 -1.03 -3.11
CA LEU A 463 -23.14 -0.80 -1.69
C LEU A 463 -22.70 0.63 -1.41
N VAL A 464 -21.90 1.21 -2.31
CA VAL A 464 -21.39 2.55 -2.11
C VAL A 464 -22.46 3.59 -2.43
N ASP A 465 -23.16 3.43 -3.55
CA ASP A 465 -24.26 4.31 -3.90
C ASP A 465 -25.25 4.43 -2.76
N GLN A 466 -25.86 3.32 -2.39
CA GLN A 466 -26.76 3.26 -1.25
C GLN A 466 -26.13 3.65 0.06
N LEU A 467 -24.82 3.90 0.11
CA LEU A 467 -24.25 4.45 1.32
C LEU A 467 -24.17 5.97 1.25
N ASN A 468 -23.68 6.50 0.13
CA ASN A 468 -23.68 7.94 -0.09
C ASN A 468 -25.10 8.51 -0.04
N SER A 469 -26.06 7.79 -0.65
CA SER A 469 -27.44 8.23 -0.61
C SER A 469 -27.98 8.31 0.82
N TYR A 470 -27.52 7.44 1.73
CA TYR A 470 -27.90 7.61 3.12
C TYR A 470 -27.11 8.73 3.80
N PHE A 471 -25.89 9.00 3.34
CA PHE A 471 -25.13 10.09 3.94
C PHE A 471 -25.66 11.44 3.47
N GLU A 472 -26.09 11.52 2.21
CA GLU A 472 -26.56 12.79 1.68
C GLU A 472 -27.91 13.18 2.30
N GLN A 473 -28.77 12.21 2.51
CA GLN A 473 -30.09 12.49 3.03
C GLN A 473 -30.17 12.80 4.49
N SER A 474 -29.06 12.77 5.15
CA SER A 474 -29.08 13.07 6.58
C SER A 474 -27.82 13.82 6.96
N GLN A 475 -27.26 14.51 5.97
CA GLN A 475 -26.07 15.35 6.12
C GLN A 475 -24.98 14.85 7.09
N VAL A 476 -24.31 13.77 6.69
CA VAL A 476 -23.26 13.17 7.49
C VAL A 476 -21.93 13.32 6.77
N PRO A 477 -20.91 13.80 7.50
CA PRO A 477 -19.58 14.03 6.94
C PRO A 477 -18.86 12.77 6.44
N ILE A 478 -19.58 11.82 5.84
CA ILE A 478 -18.91 10.62 5.35
C ILE A 478 -19.28 10.38 3.90
N ARG A 479 -18.29 10.00 3.09
CA ARG A 479 -18.48 9.63 1.69
C ARG A 479 -17.69 8.35 1.43
N MET A 480 -18.22 7.49 0.55
CA MET A 480 -17.54 6.27 0.14
C MET A 480 -16.94 6.42 -1.26
N VAL A 481 -15.72 5.91 -1.43
CA VAL A 481 -14.91 6.01 -2.64
C VAL A 481 -14.63 4.58 -3.15
N GLN A 482 -14.40 4.44 -4.46
CA GLN A 482 -14.48 3.10 -5.03
C GLN A 482 -13.65 2.98 -6.31
N PHE A 483 -13.03 1.80 -6.48
CA PHE A 483 -12.49 1.35 -7.76
C PHE A 483 -12.68 -0.17 -7.84
N GLY A 484 -13.50 -0.62 -8.80
CA GLY A 484 -13.92 -2.00 -8.85
C GLY A 484 -14.52 -2.41 -7.51
N SER A 485 -13.95 -3.44 -6.87
CA SER A 485 -14.40 -3.94 -5.57
C SER A 485 -13.62 -3.36 -4.40
N LEU A 486 -12.68 -2.46 -4.64
CA LEU A 486 -11.97 -1.81 -3.55
C LEU A 486 -12.69 -0.51 -3.21
N PHE A 487 -13.03 -0.33 -1.93
CA PHE A 487 -13.69 0.88 -1.48
C PHE A 487 -13.15 1.31 -0.11
N ARG A 488 -13.19 2.62 0.13
CA ARG A 488 -12.71 3.22 1.37
C ARG A 488 -13.77 4.18 1.89
N PHE A 489 -13.68 4.48 3.18
CA PHE A 489 -14.41 5.57 3.78
C PHE A 489 -13.58 6.85 3.70
N VAL A 490 -14.29 7.99 3.55
CA VAL A 490 -13.69 9.33 3.56
C VAL A 490 -14.56 10.20 4.45
N SER A 491 -14.03 10.59 5.62
CA SER A 491 -14.83 11.39 6.54
C SER A 491 -13.93 12.21 7.44
N SER A 492 -14.47 13.33 7.92
CA SER A 492 -13.77 14.20 8.85
C SER A 492 -13.99 13.80 10.30
N VAL A 493 -15.05 13.05 10.60
CA VAL A 493 -15.21 12.53 11.95
C VAL A 493 -14.02 11.64 12.27
N ASP A 494 -13.84 11.38 13.55
CA ASP A 494 -12.70 10.61 14.04
C ASP A 494 -12.82 9.16 13.57
N ASN A 495 -12.12 8.84 12.48
CA ASN A 495 -12.22 7.51 11.88
C ASN A 495 -11.93 6.41 12.89
N ASP A 496 -10.71 6.42 13.45
CA ASP A 496 -10.28 5.45 14.45
C ASP A 496 -11.38 5.04 15.41
N LEU A 497 -12.21 5.99 15.84
CA LEU A 497 -13.31 5.63 16.73
C LEU A 497 -14.50 5.11 15.95
N PHE A 498 -14.76 5.69 14.77
CA PHE A 498 -15.83 5.16 13.94
C PHE A 498 -15.61 3.69 13.64
N PHE A 499 -14.39 3.36 13.23
CA PHE A 499 -14.08 2.01 12.84
C PHE A 499 -14.10 1.07 14.03
N TYR A 500 -13.84 1.57 15.24
CA TYR A 500 -14.09 0.77 16.43
C TYR A 500 -15.56 0.38 16.51
N HIS A 501 -16.44 1.28 16.08
CA HIS A 501 -17.86 0.99 16.20
C HIS A 501 -18.28 -0.08 15.22
N LEU A 502 -17.85 0.05 13.96
CA LEU A 502 -18.03 -1.01 12.97
C LEU A 502 -17.54 -2.35 13.50
N ASN A 503 -16.27 -2.42 13.91
CA ASN A 503 -15.75 -3.67 14.43
C ASN A 503 -16.51 -4.13 15.66
N TYR A 504 -17.02 -3.20 16.48
CA TYR A 504 -17.95 -3.63 17.51
C TYR A 504 -19.27 -4.09 16.90
N LYS A 505 -19.67 -3.48 15.78
CA LYS A 505 -20.92 -3.80 15.11
C LYS A 505 -20.84 -5.07 14.27
N GLY A 506 -19.75 -5.82 14.37
CA GLY A 506 -19.61 -7.07 13.66
C GLY A 506 -19.20 -6.96 12.22
N VAL A 507 -18.54 -5.87 11.83
CA VAL A 507 -18.07 -5.66 10.47
C VAL A 507 -16.56 -5.47 10.54
N TYR A 508 -15.80 -6.51 10.21
CA TYR A 508 -14.37 -6.52 10.52
C TYR A 508 -13.60 -5.71 9.49
N VAL A 509 -12.93 -4.65 9.96
CA VAL A 509 -12.14 -3.74 9.16
C VAL A 509 -10.78 -3.62 9.83
N TRP A 510 -9.73 -4.11 9.17
CA TRP A 510 -8.38 -3.93 9.70
C TRP A 510 -8.03 -2.46 9.78
N GLU A 511 -6.86 -2.17 10.32
CA GLU A 511 -6.46 -0.81 10.63
C GLU A 511 -6.07 0.01 9.40
N GLY A 512 -5.78 -0.62 8.28
CA GLY A 512 -5.44 0.14 7.09
C GLY A 512 -6.62 0.72 6.34
N ARG A 513 -7.82 0.23 6.65
CA ARG A 513 -9.09 0.69 6.10
C ARG A 513 -9.20 0.53 4.56
N ASN A 514 -8.36 -0.29 3.93
CA ASN A 514 -8.65 -0.75 2.57
C ASN A 514 -9.76 -1.80 2.64
N CYS A 515 -10.96 -1.49 2.12
CA CYS A 515 -12.06 -2.44 2.25
C CYS A 515 -12.33 -3.12 0.92
N PHE A 516 -12.95 -4.30 1.00
CA PHE A 516 -13.09 -5.10 -0.20
C PHE A 516 -14.36 -5.93 -0.09
N LEU A 517 -14.98 -6.18 -1.23
CA LEU A 517 -16.03 -7.16 -1.32
C LEU A 517 -15.49 -8.39 -2.02
N SER A 518 -16.11 -9.53 -1.76
CA SER A 518 -15.76 -10.77 -2.44
C SER A 518 -16.95 -11.25 -3.27
N THR A 519 -16.68 -12.19 -4.17
CA THR A 519 -17.79 -12.88 -4.82
C THR A 519 -18.67 -13.61 -3.80
N ALA A 520 -18.21 -13.86 -2.59
CA ALA A 520 -19.03 -14.58 -1.61
C ALA A 520 -19.91 -13.69 -0.75
N HIS A 521 -19.86 -12.37 -0.93
CA HIS A 521 -20.70 -11.48 -0.14
C HIS A 521 -22.11 -11.54 -0.70
N THR A 522 -23.08 -11.87 0.16
CA THR A 522 -24.44 -12.16 -0.30
C THR A 522 -25.30 -10.90 -0.32
N SER A 523 -26.62 -11.07 -0.42
CA SER A 523 -27.53 -9.95 -0.22
C SER A 523 -27.56 -9.54 1.23
N ASP A 524 -27.51 -10.51 2.14
CA ASP A 524 -27.63 -10.23 3.55
C ASP A 524 -26.36 -9.57 4.11
N ASP A 525 -25.20 -9.93 3.54
CA ASP A 525 -23.95 -9.28 3.91
C ASP A 525 -23.96 -7.83 3.43
N ILE A 526 -24.34 -7.61 2.16
CA ILE A 526 -24.41 -6.25 1.62
C ILE A 526 -25.40 -5.44 2.44
N ALA A 527 -26.43 -6.08 2.98
CA ALA A 527 -27.37 -5.39 3.85
C ALA A 527 -26.73 -5.07 5.21
N TYR A 528 -26.26 -6.10 5.93
CA TYR A 528 -25.74 -5.91 7.28
C TYR A 528 -24.65 -4.85 7.33
N ILE A 529 -23.97 -4.61 6.22
CA ILE A 529 -22.95 -3.57 6.17
C ILE A 529 -23.60 -2.19 6.14
N ILE A 530 -24.39 -1.93 5.10
CA ILE A 530 -25.13 -0.67 4.98
C ILE A 530 -25.87 -0.37 6.29
N GLN A 531 -26.38 -1.42 6.93
CA GLN A 531 -27.11 -1.22 8.19
C GLN A 531 -26.18 -0.89 9.33
N ALA A 532 -25.11 -1.68 9.52
CA ALA A 532 -24.27 -1.52 10.71
C ALA A 532 -23.67 -0.12 10.79
N VAL A 533 -23.42 0.52 9.65
CA VAL A 533 -22.95 1.89 9.64
C VAL A 533 -24.10 2.87 9.85
N GLN A 534 -25.30 2.55 9.34
CA GLN A 534 -26.47 3.37 9.65
C GLN A 534 -26.70 3.44 11.15
N GLU A 535 -26.74 2.27 11.82
CA GLU A 535 -26.93 2.26 13.26
C GLU A 535 -25.81 3.00 13.98
N THR A 536 -24.59 2.97 13.41
CA THR A 536 -23.47 3.55 14.12
C THR A 536 -23.42 5.07 13.95
N VAL A 537 -23.80 5.58 12.77
CA VAL A 537 -23.95 7.03 12.67
C VAL A 537 -25.04 7.49 13.63
N LYS A 538 -26.09 6.67 13.80
CA LYS A 538 -27.10 6.93 14.83
C LYS A 538 -26.57 6.66 16.24
N ASP A 539 -25.44 5.97 16.38
CA ASP A 539 -24.94 5.66 17.71
C ASP A 539 -24.11 6.80 18.32
N LEU A 540 -23.52 7.67 17.51
CA LEU A 540 -22.79 8.83 18.01
C LEU A 540 -23.51 10.14 17.76
N ARG A 541 -24.41 10.20 16.77
CA ARG A 541 -25.44 11.23 16.74
C ARG A 541 -26.02 11.34 18.13
N ARG A 542 -26.48 10.22 18.66
CA ARG A 542 -26.92 10.07 20.04
C ARG A 542 -25.76 9.91 21.03
N GLY A 543 -24.64 10.59 20.78
CA GLY A 543 -23.51 10.55 21.69
C GLY A 543 -22.73 11.83 21.58
N GLY A 544 -23.12 12.64 20.61
CA GLY A 544 -22.54 13.95 20.44
C GLY A 544 -21.28 13.92 19.60
N PHE A 545 -21.37 13.37 18.39
CA PHE A 545 -20.27 13.37 17.45
C PHE A 545 -20.70 13.73 16.04
N ILE A 546 -21.95 14.18 15.86
CA ILE A 546 -22.31 14.96 14.70
C ILE A 546 -21.68 16.35 14.83
N1 PLP B . 2.33 -2.73 -3.62
C2 PLP B . 0.99 -2.54 -3.58
C2A PLP B . 0.33 -1.63 -4.59
C3 PLP B . 0.16 -3.22 -2.55
O3 PLP B . -1.18 -3.04 -2.49
C4 PLP B . 0.88 -4.10 -1.59
C4A PLP B . 0.13 -4.83 -0.53
C5 PLP B . 2.33 -4.23 -1.74
C6 PLP B . 2.98 -3.53 -2.76
C5A PLP B . 3.13 -5.11 -0.80
O4P PLP B . 2.63 -6.45 -0.88
P PLP B . 3.23 -7.60 0.08
O1P PLP B . 2.70 -7.24 1.46
O2P PLP B . 4.72 -7.44 -0.07
O3P PLP B . 2.67 -8.88 -0.49
C1 GOL C . -1.13 -5.35 3.78
O1 GOL C . -0.46 -5.36 2.55
C2 GOL C . -0.03 -5.71 4.79
O2 GOL C . 1.15 -4.99 4.52
C3 GOL C . -0.62 -5.44 6.14
O3 GOL C . 0.46 -5.19 6.97
#